data_8CYO
#
_entry.id   8CYO
#
_cell.length_a   209.110
_cell.length_b   70.660
_cell.length_c   42.410
_cell.angle_alpha   90.00
_cell.angle_beta   95.65
_cell.angle_gamma   90.00
#
_symmetry.space_group_name_H-M   'C 1 2 1'
#
loop_
_entity.id
_entity.type
_entity.pdbx_description
1 polymer 'Nuclear receptor subfamily 4 group A member 2'
2 non-polymer 'CHLORIDE ION'
3 non-polymer 2-(3,4-dichlorophenoxy)-N-(2-sulfanylethyl)acetamide
4 water water
#
_entity_poly.entity_id   1
_entity_poly.type   'polypeptide(L)'
_entity_poly.pdbx_seq_one_letter_code
;MKKGHHHHHHGAISLISALVRAHVDSNPAMTSLDYSRFQANPDYQMSGDDTQHIQQFYDLLTGSMEIIRGWAEKIPGFAD
LPKADQDLLFESAFLELFVLRLAYRSNPVEGKLIFCNGVVLHRLQCVRGFGEWIDSIVEFSSNLQNMNIDISAFSCIAAL
AMVTERHGLKEPKRVEELQNKIVNTLKDHVTFNNGGLNRPNYLSKLLGKLPELRTLCTQGLQRIFYLKLEDLVPPPAIID
KLFLDTLPF
;
_entity_poly.pdbx_strand_id   B,A
#
loop_
_chem_comp.id
_chem_comp.type
_chem_comp.name
_chem_comp.formula
CL non-polymer 'CHLORIDE ION' 'Cl -1'
OBJ non-polymer 2-(3,4-dichlorophenoxy)-N-(2-sulfanylethyl)acetamide 'C10 H11 Cl2 N O2 S'
#
# COMPACT_ATOMS: atom_id res chain seq x y z
N HIS A 7 19.86 2.86 -42.28
CA HIS A 7 20.15 1.45 -42.03
C HIS A 7 19.29 0.92 -40.89
N HIS A 8 19.38 -0.39 -40.63
CA HIS A 8 18.53 -1.03 -39.64
C HIS A 8 19.27 -2.21 -39.03
N HIS A 9 19.02 -2.45 -37.75
CA HIS A 9 19.46 -3.69 -37.12
C HIS A 9 18.83 -4.89 -37.81
N HIS A 10 19.55 -6.01 -37.82
CA HIS A 10 18.97 -7.23 -38.34
C HIS A 10 17.82 -7.67 -37.44
N GLY A 11 16.67 -7.95 -38.06
CA GLY A 11 15.48 -8.32 -37.32
C GLY A 11 14.67 -7.16 -36.77
N ALA A 12 15.11 -5.92 -36.99
CA ALA A 12 14.41 -4.77 -36.40
C ALA A 12 13.06 -4.54 -37.09
N ILE A 13 13.01 -4.65 -38.41
CA ILE A 13 11.77 -4.36 -39.13
C ILE A 13 10.71 -5.41 -38.83
N SER A 14 11.10 -6.69 -38.81
CA SER A 14 10.13 -7.74 -38.49
C SER A 14 9.69 -7.66 -37.04
N LEU A 15 10.59 -7.28 -36.13
CA LEU A 15 10.22 -7.14 -34.73
C LEU A 15 9.22 -6.02 -34.54
N ILE A 16 9.56 -4.81 -34.99
CA ILE A 16 8.67 -3.66 -34.77
C ILE A 16 7.35 -3.87 -35.51
N SER A 17 7.38 -4.59 -36.64
CA SER A 17 6.14 -4.90 -37.33
C SER A 17 5.25 -5.82 -36.49
N ALA A 18 5.86 -6.85 -35.88
CA ALA A 18 5.08 -7.75 -35.02
C ALA A 18 4.60 -7.03 -33.76
N LEU A 19 5.38 -6.07 -33.25
CA LEU A 19 4.93 -5.32 -32.08
C LEU A 19 3.74 -4.42 -32.40
N VAL A 20 3.74 -3.82 -33.60
CA VAL A 20 2.62 -2.98 -34.00
C VAL A 20 1.36 -3.83 -34.19
N ARG A 21 1.52 -5.01 -34.80
CA ARG A 21 0.38 -5.90 -34.98
C ARG A 21 -0.17 -6.36 -33.63
N ALA A 22 0.71 -6.63 -32.67
CA ALA A 22 0.27 -7.02 -31.33
C ALA A 22 -0.58 -5.92 -30.70
N HIS A 23 -0.13 -4.68 -30.84
CA HIS A 23 -0.88 -3.54 -30.27
C HIS A 23 -2.22 -3.33 -30.94
N VAL A 24 -2.24 -3.37 -32.28
CA VAL A 24 -3.47 -3.10 -33.08
C VAL A 24 -4.52 -4.18 -32.85
N ASP A 25 -4.11 -5.45 -32.82
CA ASP A 25 -5.03 -6.60 -32.63
C ASP A 25 -5.64 -6.61 -31.22
N SER A 26 -4.97 -6.04 -30.25
CA SER A 26 -5.47 -6.07 -28.85
C SER A 26 -6.13 -4.75 -28.47
N ASN A 27 -6.47 -3.90 -29.42
CA ASN A 27 -7.09 -2.62 -29.01
C ASN A 27 -8.52 -2.48 -29.52
N PRO A 28 -9.34 -1.63 -28.86
CA PRO A 28 -10.76 -1.47 -29.18
C PRO A 28 -11.01 -0.75 -30.52
N ALA A 29 -12.14 -1.08 -31.15
CA ALA A 29 -12.56 -0.50 -32.45
C ALA A 29 -13.02 0.92 -32.16
N MET A 30 -12.21 1.93 -32.50
CA MET A 30 -12.51 3.38 -32.25
C MET A 30 -13.75 3.80 -33.05
N THR A 31 -13.86 3.21 -34.24
CA THR A 31 -15.00 3.35 -35.20
C THR A 31 -16.30 2.79 -34.57
N SER A 32 -16.19 1.78 -33.67
CA SER A 32 -17.42 1.18 -33.05
C SER A 32 -17.31 1.04 -31.53
N LEU A 33 -17.09 2.14 -30.80
CA LEU A 33 -16.94 2.14 -29.31
C LEU A 33 -18.31 2.18 -28.62
N ASP A 34 -18.31 2.33 -27.29
CA ASP A 34 -19.53 2.15 -26.51
C ASP A 34 -19.70 3.33 -25.55
N TYR A 35 -20.59 4.26 -25.90
CA TYR A 35 -20.91 5.40 -25.07
C TYR A 35 -22.20 5.21 -24.27
N SER A 36 -22.49 3.98 -23.84
CA SER A 36 -23.82 3.68 -23.29
C SER A 36 -24.05 4.34 -21.94
N ARG A 37 -22.97 4.40 -21.16
CA ARG A 37 -22.98 4.97 -19.81
C ARG A 37 -22.19 6.27 -19.75
N PHE A 38 -21.80 6.86 -20.87
CA PHE A 38 -21.01 8.08 -20.83
C PHE A 38 -21.90 9.24 -20.44
N GLN A 39 -21.47 9.99 -19.42
CA GLN A 39 -22.16 11.20 -18.99
C GLN A 39 -21.12 12.20 -18.52
N ALA A 40 -21.07 13.35 -19.18
CA ALA A 40 -20.03 14.34 -18.88
C ALA A 40 -20.23 14.95 -17.50
N ASN A 41 -21.43 15.41 -17.20
CA ASN A 41 -21.72 16.01 -15.91
C ASN A 41 -23.00 15.45 -15.31
N SER A 47 -24.75 10.33 -6.94
CA SER A 47 -24.79 9.37 -8.04
C SER A 47 -25.29 8.01 -7.57
N GLY A 48 -24.51 6.96 -7.84
CA GLY A 48 -24.85 5.62 -7.43
C GLY A 48 -24.15 5.21 -6.14
N ASP A 49 -24.43 3.98 -5.72
CA ASP A 49 -23.85 3.47 -4.49
C ASP A 49 -22.37 3.15 -4.69
N ASP A 50 -21.66 3.01 -3.56
CA ASP A 50 -20.23 2.75 -3.61
C ASP A 50 -19.92 1.36 -4.16
N THR A 51 -20.73 0.36 -3.80
CA THR A 51 -20.46 -1.01 -4.20
C THR A 51 -20.45 -1.18 -5.71
N GLN A 52 -21.33 -0.45 -6.41
CA GLN A 52 -21.37 -0.55 -7.87
C GLN A 52 -20.11 0.05 -8.50
N HIS A 53 -19.66 1.20 -7.98
CA HIS A 53 -18.49 1.85 -8.57
C HIS A 53 -17.22 1.06 -8.32
N ILE A 54 -17.07 0.49 -7.12
CA ILE A 54 -15.91 -0.34 -6.82
C ILE A 54 -15.92 -1.59 -7.69
N GLN A 55 -17.07 -2.24 -7.82
CA GLN A 55 -17.19 -3.41 -8.67
C GLN A 55 -16.83 -3.09 -10.12
N GLN A 56 -17.24 -1.91 -10.60
CA GLN A 56 -16.85 -1.48 -11.94
C GLN A 56 -15.35 -1.32 -12.05
N PHE A 57 -14.72 -0.74 -11.02
CA PHE A 57 -13.27 -0.63 -10.99
C PHE A 57 -12.61 -2.00 -11.12
N TYR A 58 -13.07 -2.97 -10.34
CA TYR A 58 -12.55 -4.33 -10.45
C TYR A 58 -12.82 -4.91 -11.84
N ASP A 59 -14.05 -4.73 -12.35
CA ASP A 59 -14.42 -5.36 -13.61
C ASP A 59 -13.62 -4.81 -14.78
N LEU A 60 -13.33 -3.51 -14.78
CA LEU A 60 -12.51 -2.94 -15.84
C LEU A 60 -11.09 -3.48 -15.78
N LEU A 61 -10.56 -3.67 -14.57
CA LEU A 61 -9.23 -4.25 -14.42
C LEU A 61 -9.20 -5.69 -14.91
N THR A 62 -10.19 -6.49 -14.51
CA THR A 62 -10.19 -7.91 -14.86
C THR A 62 -10.34 -8.11 -16.36
N GLY A 63 -11.28 -7.39 -16.98
CA GLY A 63 -11.54 -7.58 -18.40
C GLY A 63 -10.33 -7.33 -19.27
N SER A 64 -9.45 -6.42 -18.86
CA SER A 64 -8.25 -6.13 -19.62
C SER A 64 -7.15 -7.17 -19.41
N MET A 65 -7.19 -7.91 -18.29
CA MET A 65 -6.13 -8.88 -18.01
C MET A 65 -6.00 -9.90 -19.12
N GLU A 66 -7.13 -10.49 -19.54
CA GLU A 66 -7.09 -11.48 -20.60
C GLU A 66 -6.66 -10.87 -21.93
N ILE A 67 -7.04 -9.61 -22.19
CA ILE A 67 -6.68 -8.98 -23.44
C ILE A 67 -5.20 -8.59 -23.45
N ILE A 68 -4.69 -8.11 -22.32
CA ILE A 68 -3.29 -7.71 -22.25
C ILE A 68 -2.36 -8.91 -22.33
N ARG A 69 -2.77 -10.06 -21.80
CA ARG A 69 -1.95 -11.26 -21.95
C ARG A 69 -1.98 -11.78 -23.38
N GLY A 70 -3.11 -11.60 -24.09
CA GLY A 70 -3.13 -11.92 -25.50
C GLY A 70 -2.15 -11.06 -26.29
N TRP A 71 -2.11 -9.77 -25.99
CA TRP A 71 -1.07 -8.91 -26.55
C TRP A 71 0.32 -9.40 -26.16
N ALA A 72 0.48 -9.88 -24.93
CA ALA A 72 1.78 -10.33 -24.47
C ALA A 72 2.27 -11.55 -25.25
N GLU A 73 1.36 -12.50 -25.50
CA GLU A 73 1.73 -13.71 -26.22
C GLU A 73 2.09 -13.45 -27.67
N LYS A 74 1.80 -12.26 -28.20
CA LYS A 74 2.11 -11.91 -29.57
C LYS A 74 3.38 -11.08 -29.70
N ILE A 75 4.11 -10.90 -28.61
CA ILE A 75 5.45 -10.31 -28.69
C ILE A 75 6.45 -11.40 -29.04
N PRO A 76 7.25 -11.22 -30.10
CA PRO A 76 8.17 -12.29 -30.52
C PRO A 76 9.12 -12.70 -29.42
N GLY A 77 9.26 -14.01 -29.21
CA GLY A 77 10.13 -14.54 -28.19
C GLY A 77 9.53 -14.59 -26.80
N PHE A 78 8.41 -13.89 -26.56
CA PHE A 78 7.79 -13.94 -25.23
C PHE A 78 7.29 -15.34 -24.91
N ALA A 79 6.72 -16.03 -25.91
CA ALA A 79 6.20 -17.36 -25.67
C ALA A 79 7.33 -18.37 -25.40
N ASP A 80 8.53 -18.09 -25.92
CA ASP A 80 9.66 -18.99 -25.73
C ASP A 80 10.24 -18.95 -24.32
N LEU A 81 9.86 -17.96 -23.52
CA LEU A 81 10.32 -17.90 -22.14
C LEU A 81 9.63 -18.97 -21.30
N PRO A 82 10.23 -19.36 -20.18
CA PRO A 82 9.53 -20.27 -19.25
C PRO A 82 8.23 -19.65 -18.78
N LYS A 83 7.27 -20.53 -18.48
CA LYS A 83 5.94 -20.05 -18.08
C LYS A 83 6.01 -19.24 -16.80
N ALA A 84 6.86 -19.65 -15.85
CA ALA A 84 7.02 -18.88 -14.62
C ALA A 84 7.52 -17.47 -14.92
N ASP A 85 8.47 -17.34 -15.84
CA ASP A 85 8.94 -16.02 -16.24
C ASP A 85 7.84 -15.24 -16.95
N GLN A 86 7.09 -15.90 -17.82
CA GLN A 86 5.98 -15.24 -18.51
C GLN A 86 4.96 -14.71 -17.51
N ASP A 87 4.68 -15.47 -16.46
CA ASP A 87 3.66 -15.06 -15.50
C ASP A 87 4.12 -13.87 -14.67
N LEU A 88 5.35 -13.92 -14.15
CA LEU A 88 5.85 -12.81 -13.35
C LEU A 88 6.02 -11.55 -14.19
N LEU A 89 6.50 -11.69 -15.43
CA LEU A 89 6.65 -10.54 -16.31
C LEU A 89 5.28 -9.89 -16.58
N PHE A 90 4.29 -10.71 -16.91
CA PHE A 90 2.96 -10.19 -17.21
C PHE A 90 2.32 -9.58 -15.97
N GLU A 91 2.44 -10.25 -14.82
CA GLU A 91 1.73 -9.81 -13.63
C GLU A 91 2.35 -8.54 -13.04
N SER A 92 3.68 -8.50 -12.95
CA SER A 92 4.32 -7.31 -12.40
C SER A 92 4.33 -6.15 -13.38
N ALA A 93 3.67 -6.29 -14.54
CA ALA A 93 3.55 -5.20 -15.49
C ALA A 93 2.11 -4.93 -15.91
N PHE A 94 1.14 -5.67 -15.38
CA PHE A 94 -0.24 -5.54 -15.85
C PHE A 94 -0.77 -4.13 -15.64
N LEU A 95 -0.74 -3.65 -14.40
CA LEU A 95 -1.21 -2.29 -14.12
C LEU A 95 -0.46 -1.26 -14.96
N GLU A 96 0.85 -1.48 -15.15
CA GLU A 96 1.62 -0.57 -15.99
C GLU A 96 1.10 -0.57 -17.43
N LEU A 97 0.83 -1.75 -17.97
CA LEU A 97 0.26 -1.82 -19.31
C LEU A 97 -1.17 -1.30 -19.34
N PHE A 98 -1.95 -1.64 -18.31
CA PHE A 98 -3.34 -1.14 -18.24
C PHE A 98 -3.37 0.38 -18.25
N VAL A 99 -2.50 1.01 -17.46
CA VAL A 99 -2.46 2.47 -17.40
C VAL A 99 -1.95 3.04 -18.71
N LEU A 100 -0.83 2.48 -19.22
CA LEU A 100 -0.19 3.06 -20.41
C LEU A 100 -1.10 2.96 -21.62
N ARG A 101 -1.73 1.80 -21.82
CA ARG A 101 -2.63 1.64 -22.96
C ARG A 101 -3.90 2.45 -22.80
N LEU A 102 -4.35 2.67 -21.55
CA LEU A 102 -5.49 3.55 -21.32
C LEU A 102 -5.12 5.00 -21.58
N ALA A 103 -3.93 5.43 -21.18
CA ALA A 103 -3.52 6.81 -21.39
C ALA A 103 -3.31 7.12 -22.86
N TYR A 104 -2.84 6.14 -23.63
CA TYR A 104 -2.68 6.34 -25.08
C TYR A 104 -4.03 6.38 -25.79
N ARG A 105 -5.00 5.60 -25.29
CA ARG A 105 -6.28 5.42 -25.96
C ARG A 105 -7.25 6.57 -25.70
N SER A 106 -7.10 7.24 -24.56
CA SER A 106 -8.12 8.13 -24.04
C SER A 106 -8.04 9.51 -24.69
N ASN A 107 -8.97 10.38 -24.31
CA ASN A 107 -9.03 11.77 -24.76
C ASN A 107 -8.95 12.65 -23.52
N PRO A 108 -7.73 12.99 -23.08
CA PRO A 108 -7.61 13.72 -21.80
C PRO A 108 -8.17 15.12 -21.83
N VAL A 109 -8.22 15.77 -23.00
CA VAL A 109 -8.81 17.11 -23.06
C VAL A 109 -10.30 17.07 -22.74
N GLU A 110 -11.00 16.07 -23.27
CA GLU A 110 -12.43 15.93 -23.02
C GLU A 110 -12.74 15.08 -21.79
N GLY A 111 -11.72 14.62 -21.06
CA GLY A 111 -11.97 13.79 -19.90
C GLY A 111 -12.56 12.44 -20.20
N LYS A 112 -12.42 11.96 -21.44
CA LYS A 112 -13.01 10.69 -21.85
C LYS A 112 -12.01 9.57 -21.61
N LEU A 113 -12.33 8.68 -20.67
CA LEU A 113 -11.55 7.46 -20.46
C LEU A 113 -12.10 6.37 -21.36
N ILE A 114 -11.23 5.77 -22.16
CA ILE A 114 -11.64 4.76 -23.15
C ILE A 114 -10.90 3.47 -22.83
N PHE A 115 -11.66 2.45 -22.42
CA PHE A 115 -11.08 1.19 -21.97
C PHE A 115 -11.04 0.17 -23.10
N CYS A 116 -10.23 -0.87 -22.90
CA CYS A 116 -9.87 -1.76 -24.00
C CYS A 116 -11.05 -2.59 -24.50
N ASN A 117 -12.14 -2.68 -23.74
CA ASN A 117 -13.35 -3.31 -24.26
C ASN A 117 -14.23 -2.32 -25.02
N GLY A 118 -13.81 -1.06 -25.14
CA GLY A 118 -14.54 -0.06 -25.88
C GLY A 118 -15.41 0.85 -25.04
N VAL A 119 -15.61 0.51 -23.75
CA VAL A 119 -16.47 1.33 -22.90
C VAL A 119 -15.85 2.71 -22.72
N VAL A 120 -16.68 3.75 -22.88
CA VAL A 120 -16.24 5.13 -22.72
C VAL A 120 -16.93 5.69 -21.48
N LEU A 121 -16.13 6.19 -20.54
CA LEU A 121 -16.63 6.80 -19.31
C LEU A 121 -15.90 8.11 -19.07
N HIS A 122 -16.61 9.09 -18.52
CA HIS A 122 -16.00 10.36 -18.20
C HIS A 122 -15.16 10.25 -16.93
N ARG A 123 -14.18 11.15 -16.82
CA ARG A 123 -13.29 11.15 -15.66
C ARG A 123 -14.07 11.20 -14.35
N LEU A 124 -15.13 12.02 -14.30
CA LEU A 124 -15.92 12.13 -13.08
C LEU A 124 -16.66 10.83 -12.76
N GLN A 125 -16.99 10.04 -13.77
CA GLN A 125 -17.65 8.76 -13.56
C GLN A 125 -16.73 7.70 -12.97
N CYS A 126 -15.42 7.97 -12.90
CA CYS A 126 -14.43 6.99 -12.48
C CYS A 126 -13.84 7.27 -11.10
N VAL A 127 -14.02 8.48 -10.57
CA VAL A 127 -13.34 8.89 -9.34
C VAL A 127 -13.78 8.04 -8.16
N ARG A 128 -15.05 7.59 -8.14
CA ARG A 128 -15.54 6.86 -6.99
C ARG A 128 -14.98 5.43 -6.96
N GLY A 129 -14.65 4.87 -8.12
CA GLY A 129 -14.01 3.57 -8.15
C GLY A 129 -12.51 3.66 -8.11
N PHE A 130 -11.93 4.49 -8.98
CA PHE A 130 -10.49 4.60 -9.10
C PHE A 130 -9.86 5.48 -8.02
N GLY A 131 -10.63 6.32 -7.35
CA GLY A 131 -10.05 7.29 -6.45
C GLY A 131 -9.41 8.43 -7.22
N GLU A 132 -8.62 9.23 -6.49
CA GLU A 132 -7.88 10.30 -7.13
C GLU A 132 -6.79 9.79 -8.06
N TRP A 133 -6.57 8.48 -8.09
CA TRP A 133 -5.62 7.89 -9.04
C TRP A 133 -6.02 8.20 -10.48
N ILE A 134 -7.31 8.37 -10.75
CA ILE A 134 -7.74 8.69 -12.11
C ILE A 134 -7.29 10.09 -12.51
N ASP A 135 -7.07 10.98 -11.54
CA ASP A 135 -6.58 12.31 -11.87
C ASP A 135 -5.13 12.26 -12.32
N SER A 136 -4.33 11.36 -11.73
CA SER A 136 -2.95 11.21 -12.16
C SER A 136 -2.88 10.52 -13.53
N ILE A 137 -3.77 9.57 -13.77
CA ILE A 137 -3.80 8.89 -15.07
C ILE A 137 -4.13 9.89 -16.18
N VAL A 138 -5.09 10.78 -15.93
CA VAL A 138 -5.44 11.79 -16.92
C VAL A 138 -4.26 12.73 -17.16
N GLU A 139 -3.56 13.11 -16.10
CA GLU A 139 -2.40 14.01 -16.25
C GLU A 139 -1.30 13.34 -17.05
N PHE A 140 -0.99 12.09 -16.73
CA PHE A 140 0.01 11.34 -17.50
C PHE A 140 -0.42 11.15 -18.94
N SER A 141 -1.74 11.04 -19.18
CA SER A 141 -2.21 10.88 -20.55
C SER A 141 -1.97 12.13 -21.39
N SER A 142 -2.22 13.32 -20.81
CA SER A 142 -1.95 14.56 -21.53
C SER A 142 -0.47 14.68 -21.86
N ASN A 143 0.40 14.41 -20.88
CA ASN A 143 1.84 14.47 -21.12
C ASN A 143 2.25 13.47 -22.19
N LEU A 144 1.68 12.26 -22.15
CA LEU A 144 2.01 11.25 -23.14
C LEU A 144 1.57 11.68 -24.54
N GLN A 145 0.33 12.18 -24.66
CA GLN A 145 -0.18 12.56 -25.97
C GLN A 145 0.44 13.84 -26.49
N ASN A 146 0.95 14.70 -25.61
CA ASN A 146 1.66 15.90 -26.06
C ASN A 146 2.98 15.58 -26.74
N MET A 147 3.47 14.34 -26.62
CA MET A 147 4.71 13.94 -27.29
C MET A 147 4.48 13.50 -28.73
N ASN A 148 3.23 13.27 -29.12
CA ASN A 148 2.88 12.84 -30.48
C ASN A 148 3.65 11.58 -30.88
N ILE A 149 3.42 10.52 -30.11
CA ILE A 149 4.13 9.26 -30.30
C ILE A 149 3.37 8.42 -31.32
N ASP A 150 4.04 8.04 -32.40
CA ASP A 150 3.37 7.18 -33.37
C ASP A 150 3.26 5.75 -32.82
N ILE A 151 2.45 4.95 -33.51
CA ILE A 151 2.10 3.62 -33.01
C ILE A 151 3.32 2.71 -32.95
N SER A 152 4.25 2.86 -33.90
CA SER A 152 5.45 2.04 -33.87
C SER A 152 6.29 2.30 -32.62
N ALA A 153 6.54 3.57 -32.32
CA ALA A 153 7.30 3.90 -31.12
C ALA A 153 6.54 3.53 -29.86
N PHE A 154 5.21 3.70 -29.87
CA PHE A 154 4.43 3.31 -28.70
C PHE A 154 4.47 1.81 -28.47
N SER A 155 4.43 1.02 -29.55
CA SER A 155 4.38 -0.42 -29.42
C SER A 155 5.64 -0.99 -28.77
N CYS A 156 6.80 -0.38 -29.02
CA CYS A 156 8.03 -0.81 -28.34
C CYS A 156 8.06 -0.36 -26.89
N ILE A 157 7.65 0.88 -26.62
CA ILE A 157 7.60 1.36 -25.23
C ILE A 157 6.66 0.48 -24.41
N ALA A 158 5.52 0.10 -24.98
CA ALA A 158 4.61 -0.79 -24.29
C ALA A 158 5.27 -2.13 -24.01
N ALA A 159 5.97 -2.70 -24.99
CA ALA A 159 6.65 -3.96 -24.78
C ALA A 159 7.81 -3.82 -23.79
N LEU A 160 8.44 -2.64 -23.74
CA LEU A 160 9.53 -2.44 -22.79
C LEU A 160 9.02 -2.36 -21.36
N ALA A 161 7.79 -1.88 -21.16
CA ALA A 161 7.22 -1.84 -19.81
C ALA A 161 7.11 -3.24 -19.22
N MET A 162 6.93 -4.25 -20.06
CA MET A 162 6.85 -5.62 -19.58
C MET A 162 8.18 -6.35 -19.64
N VAL A 163 8.93 -6.18 -20.73
CA VAL A 163 10.20 -6.91 -20.92
C VAL A 163 11.28 -6.07 -20.25
N THR A 164 11.38 -6.22 -18.93
CA THR A 164 12.43 -5.59 -18.13
C THR A 164 12.87 -6.56 -17.05
N GLU A 165 13.87 -6.14 -16.27
CA GLU A 165 14.37 -6.94 -15.17
C GLU A 165 13.35 -7.00 -14.05
N ARG A 166 13.17 -8.19 -13.49
CA ARG A 166 12.34 -8.38 -12.30
C ARG A 166 13.06 -9.37 -11.38
N HIS A 167 12.92 -9.14 -10.07
CA HIS A 167 13.42 -10.11 -9.11
C HIS A 167 12.58 -11.38 -9.19
N GLY A 168 13.25 -12.53 -9.30
CA GLY A 168 12.58 -13.80 -9.42
C GLY A 168 12.51 -14.38 -10.82
N LEU A 169 13.19 -13.77 -11.79
CA LEU A 169 13.20 -14.33 -13.14
C LEU A 169 14.08 -15.57 -13.20
N LYS A 170 13.64 -16.57 -13.95
CA LYS A 170 14.39 -17.81 -14.08
C LYS A 170 15.53 -17.68 -15.09
N GLU A 171 15.27 -17.06 -16.24
CA GLU A 171 16.26 -16.86 -17.29
C GLU A 171 16.28 -15.38 -17.67
N PRO A 172 16.99 -14.55 -16.90
CA PRO A 172 16.88 -13.09 -17.09
C PRO A 172 17.57 -12.57 -18.34
N LYS A 173 18.31 -13.42 -19.08
CA LYS A 173 18.99 -12.98 -20.29
C LYS A 173 18.03 -12.85 -21.45
N ARG A 174 17.33 -13.93 -21.79
CA ARG A 174 16.34 -13.89 -22.87
C ARG A 174 15.43 -12.69 -22.72
N VAL A 175 15.05 -12.36 -21.48
CA VAL A 175 14.38 -11.10 -21.20
C VAL A 175 15.28 -9.93 -21.55
N GLU A 176 16.50 -9.91 -20.98
CA GLU A 176 17.45 -8.85 -21.26
C GLU A 176 17.80 -8.79 -22.74
N GLU A 177 17.95 -9.96 -23.38
CA GLU A 177 18.28 -10.00 -24.79
C GLU A 177 17.12 -9.53 -25.65
N LEU A 178 15.89 -9.87 -25.27
CA LEU A 178 14.72 -9.38 -25.99
C LEU A 178 14.55 -7.88 -25.77
N GLN A 179 14.81 -7.41 -24.54
CA GLN A 179 14.65 -6.00 -24.23
C GLN A 179 15.61 -5.14 -25.05
N ASN A 180 16.86 -5.57 -25.18
CA ASN A 180 17.83 -4.81 -25.96
C ASN A 180 17.45 -4.78 -27.44
N LYS A 181 16.90 -5.88 -27.96
CA LYS A 181 16.44 -5.89 -29.34
C LYS A 181 15.29 -4.92 -29.55
N ILE A 182 14.40 -4.81 -28.55
CA ILE A 182 13.29 -3.85 -28.64
C ILE A 182 13.81 -2.42 -28.55
N VAL A 183 14.77 -2.18 -27.66
CA VAL A 183 15.42 -0.86 -27.59
C VAL A 183 16.10 -0.54 -28.92
N ASN A 184 16.77 -1.53 -29.51
CA ASN A 184 17.51 -1.29 -30.74
C ASN A 184 16.58 -0.94 -31.90
N THR A 185 15.41 -1.58 -31.97
CA THR A 185 14.49 -1.28 -33.07
C THR A 185 13.72 0.01 -32.83
N LEU A 186 13.50 0.39 -31.58
CA LEU A 186 12.95 1.72 -31.30
C LEU A 186 13.91 2.81 -31.73
N LYS A 187 15.20 2.62 -31.48
CA LYS A 187 16.20 3.58 -31.93
C LYS A 187 16.24 3.66 -33.45
N ASP A 188 16.23 2.50 -34.12
CA ASP A 188 16.25 2.48 -35.57
C ASP A 188 15.04 3.22 -36.15
N HIS A 189 13.87 3.03 -35.54
CA HIS A 189 12.66 3.67 -36.05
C HIS A 189 12.72 5.19 -35.89
N VAL A 190 13.11 5.66 -34.70
CA VAL A 190 13.19 7.09 -34.46
C VAL A 190 14.14 7.76 -35.44
N THR A 191 15.28 7.12 -35.71
CA THR A 191 16.23 7.66 -36.68
C THR A 191 15.68 7.59 -38.10
N PHE A 192 15.15 6.42 -38.48
CA PHE A 192 14.68 6.23 -39.85
C PHE A 192 13.49 7.12 -40.16
N ASN A 193 12.59 7.30 -39.20
CA ASN A 193 11.41 8.14 -39.41
C ASN A 193 11.79 9.59 -39.63
N ASN A 194 12.82 10.07 -38.93
CA ASN A 194 13.26 11.45 -39.04
C ASN A 194 14.17 11.69 -40.24
N GLY A 195 14.25 10.74 -41.17
CA GLY A 195 15.12 10.91 -42.33
C GLY A 195 16.59 10.72 -42.01
N GLY A 196 16.91 9.69 -41.21
CA GLY A 196 18.28 9.42 -40.84
C GLY A 196 18.84 10.28 -39.72
N LEU A 197 18.13 11.35 -39.35
CA LEU A 197 18.61 12.27 -38.31
C LEU A 197 18.17 11.76 -36.95
N ASN A 198 19.13 11.43 -36.09
CA ASN A 198 18.82 10.94 -34.76
C ASN A 198 18.10 12.03 -33.95
N ARG A 199 17.27 11.58 -33.01
CA ARG A 199 16.54 12.48 -32.08
C ARG A 199 16.86 12.05 -30.65
N PRO A 200 17.98 12.47 -30.05
CA PRO A 200 18.38 12.02 -28.72
C PRO A 200 17.46 12.49 -27.58
N ASN A 201 16.77 13.62 -27.78
CA ASN A 201 15.77 14.20 -26.83
C ASN A 201 14.44 13.43 -26.77
N TYR A 202 13.85 13.07 -27.92
CA TYR A 202 12.58 12.38 -28.03
C TYR A 202 12.75 10.99 -27.46
N LEU A 203 13.84 10.32 -27.85
CA LEU A 203 14.17 9.00 -27.33
C LEU A 203 14.32 9.02 -25.82
N SER A 204 15.18 9.89 -25.30
CA SER A 204 15.41 9.94 -23.86
C SER A 204 14.12 10.29 -23.11
N LYS A 205 13.32 11.19 -23.67
CA LYS A 205 12.02 11.48 -23.09
C LYS A 205 11.07 10.30 -23.24
N LEU A 206 11.14 9.59 -24.38
CA LEU A 206 10.32 8.40 -24.58
C LEU A 206 10.62 7.35 -23.52
N LEU A 207 11.90 6.99 -23.38
CA LEU A 207 12.27 6.01 -22.36
C LEU A 207 12.00 6.53 -20.96
N GLY A 208 12.05 7.84 -20.76
CA GLY A 208 11.74 8.45 -19.48
C GLY A 208 10.30 8.25 -19.04
N LYS A 209 9.41 7.83 -19.94
CA LYS A 209 8.02 7.58 -19.56
C LYS A 209 7.84 6.25 -18.83
N LEU A 210 8.83 5.36 -18.90
CA LEU A 210 8.70 4.08 -18.18
C LEU A 210 8.82 4.28 -16.67
N PRO A 211 9.80 5.04 -16.14
CA PRO A 211 9.78 5.28 -14.68
C PRO A 211 8.57 6.07 -14.23
N GLU A 212 8.11 7.04 -15.02
CA GLU A 212 6.87 7.75 -14.68
C GLU A 212 5.70 6.78 -14.60
N LEU A 213 5.66 5.79 -15.50
CA LEU A 213 4.58 4.81 -15.48
C LEU A 213 4.68 3.91 -14.26
N ARG A 214 5.91 3.53 -13.87
CA ARG A 214 6.09 2.71 -12.69
C ARG A 214 5.62 3.43 -11.44
N THR A 215 5.96 4.71 -11.31
CA THR A 215 5.49 5.51 -10.18
C THR A 215 3.96 5.59 -10.18
N LEU A 216 3.38 5.84 -11.35
CA LEU A 216 1.94 5.98 -11.47
C LEU A 216 1.22 4.71 -11.07
N CYS A 217 1.82 3.55 -11.35
N CYS A 217 1.81 3.54 -11.30
CA CYS A 217 1.19 2.27 -11.03
CA CYS A 217 1.11 2.31 -11.00
C CYS A 217 1.18 1.99 -9.53
C CYS A 217 1.33 1.82 -9.56
N THR A 218 2.19 2.48 -8.79
CA THR A 218 2.20 2.27 -7.36
C THR A 218 0.98 2.93 -6.71
N GLN A 219 0.56 4.08 -7.26
CA GLN A 219 -0.67 4.71 -6.82
C GLN A 219 -1.87 3.78 -6.99
N GLY A 220 -1.89 3.02 -8.08
CA GLY A 220 -2.97 2.04 -8.27
C GLY A 220 -2.92 0.92 -7.25
N LEU A 221 -1.72 0.44 -6.93
CA LEU A 221 -1.59 -0.62 -5.94
C LEU A 221 -2.05 -0.13 -4.57
N GLN A 222 -1.78 1.13 -4.23
CA GLN A 222 -2.27 1.67 -2.97
C GLN A 222 -3.79 1.76 -2.96
N ARG A 223 -4.40 2.01 -4.12
CA ARG A 223 -5.87 2.03 -4.21
C ARG A 223 -6.43 0.63 -3.96
N ILE A 224 -5.85 -0.38 -4.60
CA ILE A 224 -6.31 -1.76 -4.40
C ILE A 224 -6.13 -2.17 -2.94
N PHE A 225 -4.98 -1.83 -2.36
CA PHE A 225 -4.75 -2.12 -0.95
C PHE A 225 -5.78 -1.41 -0.07
N TYR A 226 -6.11 -0.16 -0.41
CA TYR A 226 -7.07 0.60 0.39
C TYR A 226 -8.44 -0.07 0.36
N LEU A 227 -8.92 -0.41 -0.83
CA LEU A 227 -10.24 -1.03 -0.96
C LEU A 227 -10.27 -2.40 -0.30
N LYS A 228 -9.16 -3.13 -0.36
CA LYS A 228 -9.10 -4.45 0.27
C LYS A 228 -9.24 -4.35 1.78
N LEU A 229 -8.59 -3.36 2.40
CA LEU A 229 -8.62 -3.24 3.85
C LEU A 229 -9.95 -2.72 4.37
N GLU A 230 -10.57 -1.76 3.66
CA GLU A 230 -11.86 -1.26 4.12
C GLU A 230 -12.95 -2.28 3.89
N ASP A 231 -12.78 -3.17 2.91
CA ASP A 231 -13.58 -4.38 2.78
C ASP A 231 -15.07 -4.06 2.60
N LEU A 232 -15.37 -3.11 1.72
CA LEU A 232 -16.76 -2.92 1.32
C LEU A 232 -17.12 -3.89 0.19
N VAL A 233 -16.26 -3.98 -0.83
CA VAL A 233 -16.36 -4.99 -1.87
C VAL A 233 -15.03 -5.72 -1.94
N PRO A 234 -14.97 -7.00 -1.56
CA PRO A 234 -13.71 -7.75 -1.67
C PRO A 234 -13.31 -7.91 -3.11
N PRO A 235 -12.03 -7.79 -3.43
CA PRO A 235 -11.58 -7.96 -4.81
C PRO A 235 -11.78 -9.40 -5.26
N PRO A 236 -11.92 -9.63 -6.56
CA PRO A 236 -11.93 -11.01 -7.06
C PRO A 236 -10.59 -11.67 -6.78
N ALA A 237 -10.60 -13.01 -6.79
CA ALA A 237 -9.39 -13.76 -6.44
C ALA A 237 -8.20 -13.38 -7.32
N ILE A 238 -8.45 -13.02 -8.58
CA ILE A 238 -7.35 -12.71 -9.48
C ILE A 238 -6.75 -11.33 -9.19
N ILE A 239 -7.49 -10.41 -8.58
CA ILE A 239 -6.90 -9.16 -8.14
C ILE A 239 -6.03 -9.39 -6.91
N ASP A 240 -6.45 -10.31 -6.03
CA ASP A 240 -5.64 -10.68 -4.89
C ASP A 240 -4.33 -11.33 -5.33
N LYS A 241 -4.40 -12.26 -6.30
CA LYS A 241 -3.20 -12.92 -6.79
C LYS A 241 -2.25 -11.91 -7.44
N LEU A 242 -2.80 -10.97 -8.21
CA LEU A 242 -1.99 -9.90 -8.76
C LEU A 242 -1.27 -9.12 -7.66
N PHE A 243 -1.94 -8.93 -6.53
CA PHE A 243 -1.36 -8.13 -5.45
C PHE A 243 -0.26 -8.90 -4.73
N LEU A 244 -0.48 -10.19 -4.45
CA LEU A 244 0.49 -10.95 -3.67
C LEU A 244 1.72 -11.28 -4.50
N ASP A 245 1.55 -11.66 -5.76
CA ASP A 245 2.67 -12.11 -6.57
C ASP A 245 3.64 -10.99 -6.92
N THR A 246 3.24 -9.72 -6.74
CA THR A 246 4.06 -8.59 -7.15
C THR A 246 4.52 -7.72 -5.98
N LEU A 247 4.34 -8.17 -4.75
CA LEU A 247 4.85 -7.43 -3.61
C LEU A 247 6.38 -7.55 -3.58
N PRO A 248 7.10 -6.44 -3.44
CA PRO A 248 8.56 -6.49 -3.62
C PRO A 248 9.26 -7.22 -2.49
N PHE A 249 10.35 -7.91 -2.86
CA PHE A 249 11.26 -8.56 -1.91
C PHE A 249 10.54 -9.56 -1.01
N SER B 14 -6.44 -8.68 42.50
CA SER B 14 -5.01 -8.56 42.21
C SER B 14 -4.73 -8.70 40.72
N LEU B 15 -5.74 -9.14 39.96
CA LEU B 15 -5.57 -9.26 38.52
C LEU B 15 -5.40 -7.90 37.86
N ILE B 16 -6.25 -6.94 38.22
CA ILE B 16 -6.13 -5.60 37.64
C ILE B 16 -4.86 -4.91 38.15
N SER B 17 -4.44 -5.21 39.39
CA SER B 17 -3.17 -4.68 39.87
C SER B 17 -1.99 -5.29 39.10
N ALA B 18 -2.11 -6.56 38.72
CA ALA B 18 -1.09 -7.18 37.89
C ALA B 18 -1.05 -6.54 36.51
N LEU B 19 -2.21 -6.21 35.95
CA LEU B 19 -2.25 -5.52 34.67
C LEU B 19 -1.73 -4.09 34.79
N VAL B 20 -1.98 -3.44 35.93
CA VAL B 20 -1.48 -2.08 36.13
C VAL B 20 0.03 -2.08 36.25
N ARG B 21 0.58 -3.01 37.02
CA ARG B 21 2.04 -3.09 37.14
C ARG B 21 2.69 -3.50 35.84
N ALA B 22 2.04 -4.38 35.07
CA ALA B 22 2.56 -4.74 33.75
C ALA B 22 2.64 -3.52 32.84
N HIS B 23 1.69 -2.58 32.98
CA HIS B 23 1.74 -1.36 32.20
C HIS B 23 2.82 -0.41 32.72
N VAL B 24 2.90 -0.25 34.04
CA VAL B 24 3.87 0.66 34.63
C VAL B 24 5.30 0.23 34.32
N ASP B 25 5.55 -1.08 34.37
CA ASP B 25 6.91 -1.58 34.17
C ASP B 25 7.35 -1.47 32.71
N SER B 26 6.40 -1.55 31.77
CA SER B 26 6.72 -1.47 30.35
C SER B 26 6.53 -0.06 29.79
N ASN B 27 6.47 0.95 30.65
CA ASN B 27 6.28 2.31 30.20
C ASN B 27 7.26 3.23 30.91
N PRO B 28 7.71 4.30 30.23
CA PRO B 28 8.72 5.18 30.83
C PRO B 28 8.16 5.95 32.01
N ALA B 29 9.00 6.13 33.03
CA ALA B 29 8.63 6.97 34.15
C ALA B 29 8.40 8.40 33.67
N MET B 30 7.23 8.95 33.98
CA MET B 30 6.82 10.24 33.43
C MET B 30 7.82 11.34 33.70
N THR B 31 8.68 11.19 34.71
CA THR B 31 9.71 12.18 34.99
C THR B 31 11.03 11.89 34.30
N SER B 32 11.21 10.69 33.75
CA SER B 32 12.43 10.33 33.02
C SER B 32 12.22 10.43 31.51
N LEU B 33 11.74 11.59 31.06
CA LEU B 33 11.52 11.82 29.63
C LEU B 33 12.82 12.22 28.96
N ASP B 34 12.94 11.83 27.69
CA ASP B 34 14.18 12.03 26.91
C ASP B 34 13.90 13.06 25.81
N TYR B 35 14.38 14.28 26.02
CA TYR B 35 14.28 15.35 25.04
C TYR B 35 15.55 15.50 24.21
N SER B 36 16.39 14.46 24.16
CA SER B 36 17.64 14.55 23.42
C SER B 36 17.40 14.74 21.92
N ARG B 37 16.33 14.13 21.39
CA ARG B 37 15.96 14.28 19.99
C ARG B 37 14.87 15.32 19.77
N PHE B 38 14.29 15.86 20.84
CA PHE B 38 13.16 16.77 20.69
C PHE B 38 13.59 18.09 20.09
N GLN B 39 12.67 18.72 19.37
CA GLN B 39 12.95 19.99 18.71
C GLN B 39 11.66 20.79 18.62
N ALA B 40 11.65 21.98 19.22
CA ALA B 40 10.48 22.83 19.21
C ALA B 40 10.43 23.75 18.00
N ASN B 41 11.58 24.13 17.46
CA ASN B 41 11.65 25.05 16.33
C ASN B 41 11.20 24.36 15.05
N PRO B 42 10.16 24.84 14.37
CA PRO B 42 9.70 24.16 13.15
C PRO B 42 10.70 24.20 12.00
N ASP B 43 11.67 25.12 12.04
CA ASP B 43 12.72 25.13 11.01
C ASP B 43 13.50 23.83 10.99
N TYR B 44 13.69 23.21 12.16
CA TYR B 44 14.50 22.01 12.28
C TYR B 44 13.69 20.73 12.47
N GLN B 45 12.37 20.84 12.61
CA GLN B 45 11.56 19.64 12.84
C GLN B 45 11.37 18.83 11.56
N MET B 46 11.34 19.47 10.41
CA MET B 46 11.26 18.76 9.14
C MET B 46 12.57 18.94 8.37
N SER B 47 13.66 18.47 8.96
CA SER B 47 15.00 18.61 8.41
C SER B 47 15.51 17.27 7.88
N GLY B 48 16.72 17.29 7.32
CA GLY B 48 17.43 16.08 6.97
C GLY B 48 16.87 15.30 5.80
N ASP B 49 17.63 14.30 5.36
CA ASP B 49 17.21 13.43 4.28
C ASP B 49 16.01 12.59 4.72
N ASP B 50 15.32 12.02 3.72
CA ASP B 50 14.19 11.16 4.02
C ASP B 50 14.62 9.82 4.59
N THR B 51 15.85 9.38 4.30
CA THR B 51 16.29 8.05 4.72
C THR B 51 16.34 7.94 6.24
N GLN B 52 16.99 8.90 6.90
CA GLN B 52 17.06 8.86 8.37
C GLN B 52 15.69 9.07 8.99
N HIS B 53 14.78 9.75 8.28
CA HIS B 53 13.41 9.90 8.78
C HIS B 53 12.65 8.58 8.70
N ILE B 54 12.80 7.86 7.59
CA ILE B 54 12.17 6.55 7.47
C ILE B 54 12.81 5.56 8.42
N GLN B 55 14.14 5.65 8.59
CA GLN B 55 14.84 4.71 9.47
C GLN B 55 14.42 4.91 10.92
N GLN B 56 14.34 6.16 11.37
CA GLN B 56 13.85 6.44 12.72
C GLN B 56 12.43 5.91 12.90
N PHE B 57 11.61 5.99 11.85
CA PHE B 57 10.26 5.44 11.92
C PHE B 57 10.32 3.93 12.17
N TYR B 58 11.12 3.20 11.40
CA TYR B 58 11.28 1.77 11.62
C TYR B 58 11.85 1.49 13.01
N ASP B 59 12.85 2.27 13.42
CA ASP B 59 13.56 1.99 14.68
C ASP B 59 12.62 2.12 15.87
N LEU B 60 11.74 3.13 15.86
CA LEU B 60 10.77 3.26 16.94
C LEU B 60 9.82 2.07 16.95
N LEU B 61 9.45 1.56 15.77
CA LEU B 61 8.57 0.40 15.70
C LEU B 61 9.25 -0.84 16.27
N THR B 62 10.46 -1.13 15.81
CA THR B 62 11.15 -2.32 16.30
C THR B 62 11.56 -2.18 17.76
N GLY B 63 11.93 -0.98 18.19
CA GLY B 63 12.25 -0.77 19.60
C GLY B 63 11.10 -1.01 20.55
N SER B 64 9.87 -0.93 20.05
CA SER B 64 8.68 -1.19 20.85
C SER B 64 8.32 -2.67 20.91
N MET B 65 8.92 -3.50 20.05
CA MET B 65 8.60 -4.92 20.06
C MET B 65 9.08 -5.58 21.34
N GLU B 66 10.35 -5.36 21.70
CA GLU B 66 10.88 -5.91 22.94
C GLU B 66 10.11 -5.44 24.16
N ILE B 67 9.59 -4.22 24.12
CA ILE B 67 8.90 -3.65 25.27
C ILE B 67 7.48 -4.23 25.40
N ILE B 68 6.73 -4.23 24.29
CA ILE B 68 5.37 -4.76 24.32
C ILE B 68 5.38 -6.26 24.56
N ARG B 69 6.40 -6.97 24.08
CA ARG B 69 6.50 -8.40 24.33
C ARG B 69 6.70 -8.68 25.82
N GLY B 70 7.51 -7.87 26.50
CA GLY B 70 7.66 -8.02 27.93
C GLY B 70 6.40 -7.68 28.69
N TRP B 71 5.65 -6.68 28.18
CA TRP B 71 4.35 -6.35 28.78
C TRP B 71 3.38 -7.50 28.62
N ALA B 72 3.39 -8.17 27.46
CA ALA B 72 2.50 -9.30 27.25
C ALA B 72 2.84 -10.47 28.16
N GLU B 73 4.13 -10.75 28.33
CA GLU B 73 4.54 -11.84 29.21
C GLU B 73 4.18 -11.57 30.66
N LYS B 74 4.06 -10.30 31.04
CA LYS B 74 3.69 -9.93 32.40
C LYS B 74 2.18 -9.82 32.59
N ILE B 75 1.39 -10.41 31.70
CA ILE B 75 -0.06 -10.48 31.85
C ILE B 75 -0.42 -11.86 32.37
N PRO B 76 -1.13 -11.96 33.49
CA PRO B 76 -1.37 -13.28 34.10
C PRO B 76 -2.13 -14.21 33.18
N GLY B 77 -1.56 -15.40 32.95
CA GLY B 77 -2.15 -16.40 32.11
C GLY B 77 -1.65 -16.39 30.67
N PHE B 78 -1.14 -15.26 30.19
CA PHE B 78 -0.67 -15.19 28.81
C PHE B 78 0.47 -16.18 28.56
N ALA B 79 1.48 -16.18 29.44
CA ALA B 79 2.58 -17.12 29.30
C ALA B 79 2.14 -18.57 29.49
N ASP B 80 1.00 -18.79 30.16
CA ASP B 80 0.47 -20.14 30.33
C ASP B 80 -0.29 -20.65 29.11
N LEU B 81 -0.45 -19.83 28.09
CA LEU B 81 -1.03 -20.27 26.83
C LEU B 81 0.02 -20.99 26.00
N PRO B 82 -0.40 -21.76 24.99
CA PRO B 82 0.57 -22.27 24.02
C PRO B 82 1.26 -21.11 23.32
N LYS B 83 2.59 -21.19 23.19
CA LYS B 83 3.32 -20.04 22.68
C LYS B 83 3.01 -19.77 21.21
N ALA B 84 2.61 -20.81 20.47
CA ALA B 84 2.08 -20.56 19.13
C ALA B 84 0.86 -19.66 19.17
N ASP B 85 0.07 -19.75 20.25
CA ASP B 85 -1.02 -18.81 20.46
C ASP B 85 -0.51 -17.47 21.00
N GLN B 86 0.50 -17.52 21.89
CA GLN B 86 1.10 -16.28 22.37
C GLN B 86 1.67 -15.45 21.23
N ASP B 87 2.37 -16.10 20.30
CA ASP B 87 2.94 -15.38 19.17
C ASP B 87 1.86 -14.88 18.22
N LEU B 88 0.83 -15.70 17.97
CA LEU B 88 -0.26 -15.25 17.12
C LEU B 88 -1.01 -14.08 17.74
N LEU B 89 -1.18 -14.11 19.07
CA LEU B 89 -1.84 -12.99 19.75
C LEU B 89 -0.98 -11.73 19.68
N PHE B 90 0.32 -11.85 19.96
CA PHE B 90 1.20 -10.69 19.96
C PHE B 90 1.37 -10.12 18.55
N GLU B 91 1.84 -10.96 17.62
CA GLU B 91 2.16 -10.53 16.27
C GLU B 91 0.95 -10.07 15.48
N SER B 92 -0.26 -10.14 16.03
CA SER B 92 -1.46 -9.69 15.35
C SER B 92 -2.11 -8.50 16.04
N ALA B 93 -1.57 -8.04 17.17
CA ALA B 93 -2.06 -6.84 17.83
C ALA B 93 -0.95 -5.84 18.10
N PHE B 94 0.28 -6.09 17.63
CA PHE B 94 1.41 -5.24 17.98
C PHE B 94 1.17 -3.79 17.57
N LEU B 95 0.78 -3.57 16.30
CA LEU B 95 0.59 -2.21 15.82
C LEU B 95 -0.54 -1.51 16.56
N GLU B 96 -1.63 -2.24 16.85
CA GLU B 96 -2.70 -1.69 17.67
C GLU B 96 -2.17 -1.31 19.05
N LEU B 97 -1.37 -2.19 19.67
CA LEU B 97 -0.79 -1.89 20.97
C LEU B 97 0.19 -0.74 20.88
N PHE B 98 1.00 -0.70 19.81
CA PHE B 98 1.95 0.40 19.65
C PHE B 98 1.23 1.74 19.56
N VAL B 99 0.13 1.80 18.81
CA VAL B 99 -0.58 3.07 18.64
C VAL B 99 -1.36 3.42 19.90
N LEU B 100 -2.02 2.43 20.51
CA LEU B 100 -2.83 2.68 21.69
C LEU B 100 -1.98 3.21 22.84
N ARG B 101 -0.85 2.55 23.11
CA ARG B 101 0.03 2.99 24.19
C ARG B 101 0.66 4.35 23.87
N LEU B 102 0.97 4.58 22.60
CA LEU B 102 1.51 5.89 22.21
C LEU B 102 0.46 6.98 22.40
N ALA B 103 -0.78 6.73 21.98
CA ALA B 103 -1.84 7.71 22.13
C ALA B 103 -2.15 7.99 23.60
N TYR B 104 -2.04 6.98 24.47
CA TYR B 104 -2.27 7.19 25.89
C TYR B 104 -1.10 7.89 26.55
N ARG B 105 0.12 7.69 26.04
CA ARG B 105 1.33 8.23 26.64
C ARG B 105 1.58 9.68 26.25
N SER B 106 1.08 10.10 25.09
CA SER B 106 1.54 11.32 24.46
C SER B 106 0.86 12.56 25.05
N ASN B 107 1.30 13.73 24.58
CA ASN B 107 0.75 15.03 24.97
C ASN B 107 0.20 15.67 23.70
N PRO B 108 -1.00 15.26 23.27
CA PRO B 108 -1.50 15.71 21.95
C PRO B 108 -1.75 17.21 21.87
N VAL B 109 -2.10 17.88 22.97
CA VAL B 109 -2.39 19.31 22.89
C VAL B 109 -1.11 20.10 22.61
N GLU B 110 0.01 19.65 23.17
CA GLU B 110 1.31 20.26 22.90
C GLU B 110 2.00 19.65 21.69
N GLY B 111 1.34 18.73 20.99
CA GLY B 111 1.94 18.09 19.84
C GLY B 111 3.16 17.25 20.15
N LYS B 112 3.22 16.64 21.35
CA LYS B 112 4.36 15.86 21.79
C LYS B 112 4.00 14.38 21.76
N LEU B 113 4.72 13.61 20.96
CA LEU B 113 4.55 12.16 20.92
C LEU B 113 5.65 11.52 21.75
N ILE B 114 5.26 10.69 22.71
CA ILE B 114 6.17 10.11 23.69
C ILE B 114 6.17 8.61 23.48
N PHE B 115 7.31 8.07 23.05
CA PHE B 115 7.44 6.65 22.77
C PHE B 115 7.92 5.90 24.01
N CYS B 116 7.85 4.58 23.95
CA CYS B 116 8.02 3.74 25.14
C CYS B 116 9.42 3.83 25.74
N ASN B 117 10.40 4.35 25.02
CA ASN B 117 11.73 4.58 25.58
C ASN B 117 11.89 5.99 26.15
N GLY B 118 10.80 6.72 26.33
CA GLY B 118 10.87 8.07 26.86
C GLY B 118 11.20 9.14 25.84
N VAL B 119 11.47 8.77 24.59
CA VAL B 119 11.84 9.75 23.57
C VAL B 119 10.65 10.63 23.24
N VAL B 120 10.84 11.93 23.32
CA VAL B 120 9.79 12.91 22.99
C VAL B 120 10.10 13.51 21.63
N LEU B 121 9.11 13.45 20.73
CA LEU B 121 9.23 14.05 19.41
C LEU B 121 8.00 14.87 19.12
N HIS B 122 8.19 16.01 18.48
CA HIS B 122 7.06 16.84 18.06
C HIS B 122 6.35 16.19 16.88
N ARG B 123 5.06 16.50 16.76
CA ARG B 123 4.27 15.98 15.63
C ARG B 123 4.91 16.34 14.29
N LEU B 124 5.42 17.57 14.17
CA LEU B 124 6.05 17.98 12.92
C LEU B 124 7.37 17.27 12.68
N GLN B 125 8.01 16.76 13.73
CA GLN B 125 9.18 15.90 13.56
C GLN B 125 8.82 14.52 13.05
N CYS B 126 7.53 14.19 13.00
CA CYS B 126 7.10 12.83 12.75
C CYS B 126 6.52 12.61 11.36
N VAL B 127 6.15 13.68 10.64
CA VAL B 127 5.44 13.52 9.39
C VAL B 127 6.33 12.95 8.30
N ARG B 128 7.64 13.25 8.34
CA ARG B 128 8.53 12.76 7.29
C ARG B 128 8.61 11.24 7.30
N GLY B 129 8.64 10.62 8.49
CA GLY B 129 8.68 9.18 8.60
C GLY B 129 7.32 8.53 8.69
N PHE B 130 6.49 8.97 9.65
CA PHE B 130 5.18 8.38 9.83
C PHE B 130 4.22 8.75 8.71
N GLY B 131 4.46 9.85 8.01
CA GLY B 131 3.54 10.29 7.00
C GLY B 131 2.28 10.91 7.61
N GLU B 132 1.28 11.06 6.75
CA GLU B 132 -0.05 11.52 7.17
C GLU B 132 -0.60 10.75 8.36
N TRP B 133 -0.12 9.52 8.56
CA TRP B 133 -0.62 8.68 9.65
C TRP B 133 -0.51 9.36 11.01
N ILE B 134 0.51 10.21 11.21
CA ILE B 134 0.74 10.77 12.53
C ILE B 134 -0.36 11.75 12.93
N ASP B 135 -1.00 12.41 11.95
CA ASP B 135 -2.09 13.32 12.28
C ASP B 135 -3.28 12.56 12.84
N SER B 136 -3.63 11.42 12.23
CA SER B 136 -4.72 10.60 12.74
C SER B 136 -4.38 10.02 14.10
N ILE B 137 -3.11 9.71 14.35
CA ILE B 137 -2.69 9.22 15.66
C ILE B 137 -2.90 10.31 16.71
N VAL B 138 -2.50 11.54 16.39
CA VAL B 138 -2.66 12.66 17.32
C VAL B 138 -4.14 12.94 17.56
N GLU B 139 -4.97 12.87 16.50
CA GLU B 139 -6.40 13.07 16.68
C GLU B 139 -6.99 12.02 17.61
N PHE B 140 -6.70 10.74 17.34
CA PHE B 140 -7.12 9.66 18.23
C PHE B 140 -6.57 9.87 19.63
N SER B 141 -5.37 10.44 19.76
CA SER B 141 -4.78 10.64 21.07
C SER B 141 -5.56 11.66 21.89
N SER B 142 -6.01 12.75 21.26
CA SER B 142 -6.81 13.74 21.98
C SER B 142 -8.17 13.19 22.35
N ASN B 143 -8.81 12.43 21.44
CA ASN B 143 -10.11 11.84 21.74
C ASN B 143 -10.01 10.87 22.91
N LEU B 144 -8.94 10.07 22.95
CA LEU B 144 -8.77 9.09 24.02
C LEU B 144 -8.62 9.79 25.37
N GLN B 145 -7.76 10.81 25.44
CA GLN B 145 -7.45 11.42 26.72
C GLN B 145 -8.58 12.31 27.24
N ASN B 146 -9.46 12.80 26.36
CA ASN B 146 -10.62 13.55 26.82
C ASN B 146 -11.58 12.69 27.63
N MET B 147 -11.40 11.37 27.65
CA MET B 147 -12.21 10.49 28.47
C MET B 147 -11.63 10.28 29.87
N ASN B 148 -10.40 10.75 30.11
CA ASN B 148 -9.75 10.67 31.42
C ASN B 148 -9.79 9.23 31.96
N ILE B 149 -9.44 8.29 31.10
CA ILE B 149 -9.35 6.89 31.49
C ILE B 149 -8.18 6.72 32.44
N ASP B 150 -8.47 6.27 33.67
CA ASP B 150 -7.42 6.04 34.65
C ASP B 150 -6.51 4.91 34.18
N ILE B 151 -5.38 4.76 34.87
CA ILE B 151 -4.38 3.78 34.47
C ILE B 151 -4.90 2.36 34.65
N SER B 152 -5.81 2.14 35.61
CA SER B 152 -6.33 0.80 35.84
C SER B 152 -7.22 0.34 34.69
N ALA B 153 -8.11 1.22 34.20
CA ALA B 153 -8.97 0.85 33.09
C ALA B 153 -8.19 0.77 31.77
N PHE B 154 -7.13 1.57 31.63
CA PHE B 154 -6.34 1.47 30.41
C PHE B 154 -5.59 0.15 30.34
N SER B 155 -5.02 -0.29 31.47
CA SER B 155 -4.29 -1.54 31.49
C SER B 155 -5.19 -2.73 31.15
N CYS B 156 -6.48 -2.66 31.53
CA CYS B 156 -7.42 -3.68 31.11
C CYS B 156 -7.69 -3.58 29.62
N ILE B 157 -7.84 -2.35 29.10
CA ILE B 157 -8.19 -2.15 27.70
C ILE B 157 -7.03 -2.56 26.79
N ALA B 158 -5.80 -2.17 27.15
CA ALA B 158 -4.64 -2.59 26.37
C ALA B 158 -4.54 -4.11 26.30
N ALA B 159 -4.78 -4.79 27.42
CA ALA B 159 -4.74 -6.24 27.43
C ALA B 159 -5.83 -6.83 26.54
N LEU B 160 -7.01 -6.18 26.50
CA LEU B 160 -8.10 -6.68 25.69
C LEU B 160 -7.86 -6.48 24.20
N ALA B 161 -7.01 -5.51 23.82
CA ALA B 161 -6.64 -5.36 22.41
C ALA B 161 -5.87 -6.56 21.90
N MET B 162 -5.12 -7.23 22.77
CA MET B 162 -4.34 -8.39 22.38
C MET B 162 -5.00 -9.71 22.73
N VAL B 163 -5.75 -9.78 23.83
CA VAL B 163 -6.44 -11.01 24.23
C VAL B 163 -7.81 -10.98 23.58
N THR B 164 -7.91 -11.43 22.31
CA THR B 164 -9.22 -11.28 21.60
C THR B 164 -9.43 -12.37 20.56
N GLU B 165 -10.56 -12.30 19.85
CA GLU B 165 -10.93 -13.29 18.82
C GLU B 165 -9.88 -13.29 17.71
N ARG B 166 -9.48 -14.49 17.26
CA ARG B 166 -8.52 -14.71 16.16
C ARG B 166 -8.86 -16.01 15.40
N HIS B 167 -8.42 -16.11 14.15
CA HIS B 167 -8.52 -17.29 13.30
C HIS B 167 -7.22 -18.06 13.33
N GLY B 168 -7.25 -19.27 13.87
CA GLY B 168 -6.09 -20.13 13.94
C GLY B 168 -5.51 -20.36 15.32
N LEU B 169 -6.18 -19.87 16.37
CA LEU B 169 -5.70 -20.14 17.72
C LEU B 169 -5.86 -21.62 18.05
N LYS B 170 -5.10 -22.08 19.05
CA LYS B 170 -5.05 -23.49 19.38
C LYS B 170 -5.99 -23.90 20.51
N GLU B 171 -6.15 -23.05 21.52
CA GLU B 171 -7.23 -23.21 22.51
C GLU B 171 -7.93 -21.86 22.59
N PRO B 172 -8.80 -21.56 21.63
CA PRO B 172 -9.40 -20.21 21.56
C PRO B 172 -10.27 -19.87 22.76
N LYS B 173 -10.85 -20.86 23.44
CA LYS B 173 -11.68 -20.57 24.60
C LYS B 173 -10.88 -20.41 25.88
N ARG B 174 -9.62 -20.84 25.91
CA ARG B 174 -8.75 -20.45 27.00
C ARG B 174 -8.33 -18.99 26.86
N VAL B 175 -8.20 -18.51 25.63
CA VAL B 175 -8.01 -17.08 25.40
C VAL B 175 -9.28 -16.32 25.74
N GLU B 176 -10.45 -16.87 25.39
CA GLU B 176 -11.70 -16.20 25.68
C GLU B 176 -11.98 -16.11 27.18
N GLU B 177 -11.69 -17.19 27.92
CA GLU B 177 -11.88 -17.16 29.36
C GLU B 177 -10.91 -16.20 30.03
N LEU B 178 -9.69 -16.11 29.51
CA LEU B 178 -8.78 -15.06 29.97
C LEU B 178 -9.30 -13.68 29.61
N GLN B 179 -9.89 -13.57 28.41
CA GLN B 179 -10.41 -12.27 27.96
C GLN B 179 -11.55 -11.81 28.84
N ASN B 180 -12.50 -12.70 29.14
CA ASN B 180 -13.66 -12.32 29.93
C ASN B 180 -13.33 -12.11 31.40
N LYS B 181 -12.26 -12.74 31.90
CA LYS B 181 -11.75 -12.38 33.22
C LYS B 181 -11.29 -10.92 33.24
N ILE B 182 -10.61 -10.49 32.18
CA ILE B 182 -10.15 -9.11 32.09
C ILE B 182 -11.34 -8.17 31.91
N VAL B 183 -12.36 -8.58 31.17
CA VAL B 183 -13.54 -7.75 30.99
C VAL B 183 -14.28 -7.59 32.31
N ASN B 184 -14.41 -8.66 33.08
CA ASN B 184 -15.18 -8.61 34.32
C ASN B 184 -14.52 -7.70 35.35
N THR B 185 -13.19 -7.76 35.47
CA THR B 185 -12.53 -6.88 36.42
C THR B 185 -12.55 -5.42 35.95
N LEU B 186 -12.53 -5.20 34.64
CA LEU B 186 -12.71 -3.85 34.11
C LEU B 186 -14.08 -3.30 34.47
N LYS B 187 -15.13 -4.11 34.30
CA LYS B 187 -16.48 -3.70 34.69
C LYS B 187 -16.57 -3.51 36.20
N ASP B 188 -15.88 -4.34 36.97
CA ASP B 188 -15.86 -4.16 38.42
C ASP B 188 -15.17 -2.85 38.80
N HIS B 189 -14.13 -2.47 38.06
CA HIS B 189 -13.45 -1.21 38.33
C HIS B 189 -14.35 -0.02 38.03
N VAL B 190 -15.01 -0.04 36.88
CA VAL B 190 -15.93 1.04 36.51
C VAL B 190 -17.10 1.11 37.49
N THR B 191 -17.51 -0.03 38.03
CA THR B 191 -18.57 -0.05 39.03
C THR B 191 -18.15 0.71 40.30
N PHE B 192 -17.00 0.34 40.86
CA PHE B 192 -16.58 0.91 42.14
C PHE B 192 -16.16 2.36 42.02
N ASN B 193 -15.60 2.75 40.87
CA ASN B 193 -14.96 4.05 40.73
C ASN B 193 -15.73 5.07 39.90
N ASN B 194 -16.58 4.62 38.98
CA ASN B 194 -17.33 5.54 38.14
C ASN B 194 -18.83 5.31 38.24
N PRO B 200 -25.57 3.57 31.63
CA PRO B 200 -24.93 4.64 30.86
C PRO B 200 -23.60 5.07 31.47
N ASN B 201 -22.50 4.57 30.92
CA ASN B 201 -21.18 4.86 31.44
C ASN B 201 -20.19 4.93 30.28
N TYR B 202 -18.97 5.38 30.59
CA TYR B 202 -17.98 5.55 29.54
C TYR B 202 -17.46 4.24 29.00
N LEU B 203 -17.80 3.10 29.63
CA LEU B 203 -17.31 1.80 29.17
C LEU B 203 -17.75 1.51 27.74
N SER B 204 -18.96 1.94 27.37
CA SER B 204 -19.45 1.69 26.02
C SER B 204 -18.61 2.40 24.98
N LYS B 205 -18.33 3.69 25.20
CA LYS B 205 -17.45 4.41 24.30
C LYS B 205 -15.99 3.98 24.49
N LEU B 206 -15.64 3.57 25.70
CA LEU B 206 -14.26 3.12 25.95
C LEU B 206 -13.96 1.85 25.18
N LEU B 207 -14.80 0.82 25.32
CA LEU B 207 -14.63 -0.39 24.55
C LEU B 207 -14.82 -0.15 23.06
N GLY B 208 -15.55 0.90 22.68
CA GLY B 208 -15.66 1.26 21.28
C GLY B 208 -14.40 1.85 20.69
N LYS B 209 -13.46 2.28 21.54
CA LYS B 209 -12.18 2.80 21.04
C LYS B 209 -11.31 1.70 20.44
N LEU B 210 -11.60 0.43 20.72
CA LEU B 210 -10.82 -0.67 20.17
C LEU B 210 -11.17 -0.89 18.70
N PRO B 211 -12.45 -0.84 18.30
CA PRO B 211 -12.74 -0.79 16.84
C PRO B 211 -12.08 0.39 16.16
N GLU B 212 -12.17 1.60 16.73
CA GLU B 212 -11.56 2.76 16.11
C GLU B 212 -10.03 2.62 16.07
N LEU B 213 -9.45 1.94 17.04
CA LEU B 213 -8.01 1.71 17.03
C LEU B 213 -7.60 0.82 15.87
N ARG B 214 -8.43 -0.20 15.60
CA ARG B 214 -8.14 -1.19 14.53
C ARG B 214 -8.10 -0.45 13.18
N THR B 215 -9.07 0.43 12.95
CA THR B 215 -9.12 1.23 11.72
C THR B 215 -7.88 2.10 11.59
N LEU B 216 -7.43 2.69 12.71
CA LEU B 216 -6.24 3.51 12.70
C LEU B 216 -4.98 2.68 12.42
N CYS B 217 -5.05 1.39 12.68
N CYS B 217 -5.01 1.39 12.76
CA CYS B 217 -3.86 0.49 12.56
CA CYS B 217 -3.86 0.55 12.50
C CYS B 217 -3.71 0.24 11.02
C CYS B 217 -3.70 0.25 11.01
N THR B 218 -4.81 -0.02 10.33
CA THR B 218 -4.74 -0.28 8.89
C THR B 218 -4.24 0.93 8.10
N GLN B 219 -4.40 2.14 8.66
CA GLN B 219 -3.71 3.29 8.09
C GLN B 219 -2.20 3.15 8.21
N GLY B 220 -1.73 2.51 9.29
CA GLY B 220 -0.30 2.27 9.43
C GLY B 220 0.21 1.26 8.43
N LEU B 221 -0.58 0.22 8.16
CA LEU B 221 -0.19 -0.75 7.13
C LEU B 221 -0.10 -0.11 5.76
N GLN B 222 -1.01 0.82 5.46
CA GLN B 222 -0.92 1.58 4.22
C GLN B 222 0.39 2.34 4.14
N ARG B 223 0.82 2.94 5.26
CA ARG B 223 2.06 3.69 5.27
C ARG B 223 3.26 2.78 5.03
N ILE B 224 3.30 1.63 5.71
CA ILE B 224 4.39 0.68 5.49
C ILE B 224 4.34 0.15 4.07
N PHE B 225 3.13 -0.13 3.56
CA PHE B 225 2.99 -0.56 2.17
C PHE B 225 3.58 0.47 1.21
N TYR B 226 3.32 1.75 1.46
CA TYR B 226 3.85 2.80 0.60
C TYR B 226 5.37 2.79 0.62
N LEU B 227 5.97 2.71 1.81
CA LEU B 227 7.43 2.72 1.92
C LEU B 227 8.03 1.49 1.26
N LYS B 228 7.36 0.34 1.35
CA LYS B 228 7.81 -0.85 0.62
C LYS B 228 7.85 -0.57 -0.88
N LEU B 229 6.80 0.05 -1.41
CA LEU B 229 6.74 0.34 -2.84
C LEU B 229 7.78 1.38 -3.24
N GLU B 230 7.96 2.42 -2.43
CA GLU B 230 8.95 3.44 -2.74
C GLU B 230 10.36 2.84 -2.79
N ASP B 231 10.61 1.86 -1.92
CA ASP B 231 11.89 1.15 -1.85
C ASP B 231 13.08 2.07 -1.59
N LEU B 232 12.84 3.24 -1.01
CA LEU B 232 13.96 4.10 -0.61
C LEU B 232 14.72 3.46 0.55
N VAL B 233 14.03 3.16 1.64
CA VAL B 233 14.57 2.34 2.71
C VAL B 233 13.61 1.18 2.94
N PRO B 234 13.96 -0.04 2.53
CA PRO B 234 13.05 -1.17 2.73
C PRO B 234 12.88 -1.46 4.20
N PRO B 235 11.74 -2.01 4.61
CA PRO B 235 11.55 -2.31 6.02
C PRO B 235 12.52 -3.39 6.47
N PRO B 236 12.89 -3.39 7.75
CA PRO B 236 13.63 -4.54 8.28
C PRO B 236 12.80 -5.80 8.20
N ALA B 237 13.47 -6.95 8.31
CA ALA B 237 12.79 -8.22 8.16
C ALA B 237 11.64 -8.37 9.16
N ILE B 238 11.82 -7.87 10.38
CA ILE B 238 10.82 -8.05 11.42
C ILE B 238 9.57 -7.23 11.11
N ILE B 239 9.74 -6.01 10.59
CA ILE B 239 8.59 -5.20 10.20
C ILE B 239 7.93 -5.77 8.96
N ASP B 240 8.75 -6.23 8.00
CA ASP B 240 8.20 -6.85 6.80
C ASP B 240 7.40 -8.10 7.14
N LYS B 241 7.89 -8.92 8.06
CA LYS B 241 7.20 -10.16 8.42
C LYS B 241 5.83 -9.87 9.03
N LEU B 242 5.77 -8.94 9.98
CA LEU B 242 4.50 -8.67 10.64
C LEU B 242 3.54 -7.91 9.74
N PHE B 243 4.06 -7.08 8.83
CA PHE B 243 3.20 -6.49 7.80
C PHE B 243 2.57 -7.57 6.95
N LEU B 244 3.39 -8.52 6.46
CA LEU B 244 2.87 -9.58 5.62
C LEU B 244 1.94 -10.51 6.37
N ASP B 245 2.17 -10.71 7.67
CA ASP B 245 1.39 -11.68 8.43
C ASP B 245 0.00 -11.17 8.81
N THR B 246 -0.26 -9.88 8.68
CA THR B 246 -1.58 -9.33 8.97
C THR B 246 -2.36 -8.95 7.72
N LEU B 247 -1.80 -9.15 6.55
CA LEU B 247 -2.56 -8.92 5.32
C LEU B 247 -3.64 -9.98 5.20
N PRO B 248 -4.90 -9.59 5.00
CA PRO B 248 -5.97 -10.60 4.82
C PRO B 248 -5.88 -11.27 3.45
N PHE B 249 -4.87 -12.11 3.27
CA PHE B 249 -4.57 -12.75 1.98
C PHE B 249 -4.29 -11.70 0.91
CL CL C . 14.64 -0.02 -20.58
CL CL D . -9.71 -6.86 -28.82
CL CL E . -12.19 10.93 -28.96
CL CL F . 10.89 1.24 -38.54
CL CL G . 19.58 4.96 -25.03
CL CL H . -4.24 2.73 -30.74
C1 OBJ I . -4.08 -5.03 13.82
C2 OBJ I . -2.98 -4.56 14.81
C3 OBJ I . -1.04 -5.89 13.81
C4 OBJ I . 0.25 -6.76 14.02
C5 OBJ I . 3.49 -4.38 11.11
S1 OBJ I . -4.06 -3.97 12.27
C10 OBJ I . 3.43 -5.04 13.44
C6 OBJ I . 4.11 -4.52 12.34
C7 OBJ I . 2.11 -5.43 13.29
C8 OBJ I . 1.47 -5.30 12.05
C9 OBJ I . 2.18 -4.77 10.95
N1 OBJ I . -1.75 -5.40 14.90
O1 OBJ I . -1.41 -5.67 12.67
O2 OBJ I . 1.36 -5.95 14.35
CL1 OBJ I . 4.34 -3.74 9.80
CL2 OBJ I . 5.72 -4.03 12.49
CL CL J . -14.63 -6.95 24.31
#